data_6Y8O
#
_entry.id   6Y8O
#
_cell.length_a   156.962
_cell.length_b   56.112
_cell.length_c   50.678
_cell.angle_alpha   90.000
_cell.angle_beta   90.660
_cell.angle_gamma   90.000
#
_symmetry.space_group_name_H-M   'C 1 2 1'
#
loop_
_entity.id
_entity.type
_entity.pdbx_description
1 polymer 'DNA gyrase subunit B'
2 non-polymer NOVOBIOCIN
3 non-polymer 1,2-ETHANEDIOL
4 non-polymer 'ACETATE ION'
5 non-polymer 'SODIUM ION'
6 water water
#
_entity_poly.entity_id   1
_entity_poly.type   'polypeptide(L)'
_entity_poly.pdbx_seq_one_letter_code
;MHHHHHHSSGRENLYFQGMPKEYGADSITILEGLEAVRKRPGMYIGSTGERGLHHLIWEVVDNAVDEAMAGFATRVDVKI
HADGSVEVRDDGRGIPVEMHATGMPTIDVVMTQLHAGGKFDGETYAVSGGLHGVGVSVVNALSTRLEATVLRDGYEWFQY
YDRSVPGKLKQGGETKETGTTIRFWADPEIFETTDYNFETVARRLQEMAFLNKGLTIELTDERDGKHRVFHYPG
;
_entity_poly.pdbx_strand_id   A,B
#
loop_
_chem_comp.id
_chem_comp.type
_chem_comp.name
_chem_comp.formula
ACT non-polymer 'ACETATE ION' 'C2 H3 O2 -1'
EDO non-polymer 1,2-ETHANEDIOL 'C2 H6 O2'
NA non-polymer 'SODIUM ION' 'Na 1'
NOV non-polymer NOVOBIOCIN 'C31 H36 N2 O11'
#
# COMPACT_ATOMS: atom_id res chain seq x y z
N SER A 27 23.68 6.54 16.75
CA SER A 27 23.53 5.58 15.58
C SER A 27 23.65 4.13 16.06
N ILE A 28 24.76 3.82 16.76
CA ILE A 28 24.96 2.59 17.58
C ILE A 28 23.84 2.53 18.64
N THR A 29 23.61 3.64 19.33
N THR A 29 23.64 3.65 19.34
CA THR A 29 22.58 3.76 20.39
CA THR A 29 22.58 3.84 20.36
C THR A 29 21.20 3.50 19.76
C THR A 29 21.21 3.49 19.74
N ILE A 30 20.89 4.06 18.58
CA ILE A 30 19.57 3.86 17.93
C ILE A 30 19.38 2.35 17.67
N LEU A 31 20.37 1.70 17.08
CA LEU A 31 20.30 0.25 16.75
C LEU A 31 20.22 -0.55 18.06
N GLU A 32 20.99 -0.17 19.09
CA GLU A 32 20.99 -0.88 20.39
C GLU A 32 19.56 -0.82 20.96
N GLY A 33 18.90 0.33 20.86
CA GLY A 33 17.55 0.55 21.40
C GLY A 33 16.54 -0.37 20.75
N LEU A 34 16.61 -0.48 19.42
CA LEU A 34 15.65 -1.33 18.67
C LEU A 34 15.94 -2.80 18.99
N GLU A 35 17.21 -3.17 19.12
CA GLU A 35 17.62 -4.57 19.39
C GLU A 35 17.18 -4.94 20.81
N ALA A 36 17.20 -3.97 21.75
CA ALA A 36 16.76 -4.19 23.15
C ALA A 36 15.30 -4.63 23.14
N VAL A 37 14.51 -4.02 22.27
CA VAL A 37 13.06 -4.32 22.14
C VAL A 37 12.90 -5.75 21.64
N ARG A 38 13.65 -6.14 20.60
N ARG A 38 13.65 -6.14 20.60
CA ARG A 38 13.55 -7.50 20.01
CA ARG A 38 13.56 -7.48 19.99
C ARG A 38 14.01 -8.53 21.03
C ARG A 38 14.01 -8.53 21.02
N LYS A 39 15.01 -8.19 21.84
CA LYS A 39 15.62 -9.14 22.81
C LYS A 39 14.61 -9.43 23.93
N ARG A 40 13.86 -8.42 24.40
CA ARG A 40 12.91 -8.62 25.53
C ARG A 40 11.65 -7.82 25.25
N PRO A 41 10.82 -8.30 24.30
CA PRO A 41 9.62 -7.58 23.90
C PRO A 41 8.63 -7.42 25.04
N GLY A 42 8.62 -8.37 25.98
CA GLY A 42 7.72 -8.34 27.15
C GLY A 42 7.89 -7.07 27.97
N MET A 43 9.08 -6.47 27.97
N MET A 43 9.08 -6.47 27.97
CA MET A 43 9.37 -5.19 28.70
CA MET A 43 9.38 -5.18 28.67
C MET A 43 8.59 -4.04 28.05
C MET A 43 8.57 -4.04 28.05
N TYR A 44 8.20 -4.17 26.78
CA TYR A 44 7.61 -3.06 25.99
C TYR A 44 6.14 -3.32 25.69
N ILE A 45 5.73 -4.58 25.45
CA ILE A 45 4.32 -4.90 25.11
C ILE A 45 3.77 -5.99 26.01
N GLY A 46 4.46 -6.35 27.09
CA GLY A 46 3.91 -7.25 28.13
C GLY A 46 4.11 -8.71 27.84
N SER A 47 4.02 -9.14 26.59
CA SER A 47 4.06 -10.58 26.21
C SER A 47 4.12 -10.73 24.69
N THR A 48 4.33 -11.94 24.23
CA THR A 48 4.55 -12.24 22.80
C THR A 48 3.49 -13.23 22.30
N GLY A 49 2.41 -13.44 23.05
CA GLY A 49 1.22 -14.13 22.52
C GLY A 49 0.23 -13.17 21.89
N GLU A 50 -1.02 -13.57 21.83
CA GLU A 50 -2.08 -12.83 21.14
C GLU A 50 -2.26 -11.45 21.77
N ARG A 51 -2.22 -11.37 23.11
N ARG A 51 -2.22 -11.35 23.10
CA ARG A 51 -2.36 -10.08 23.85
CA ARG A 51 -2.42 -10.03 23.77
C ARG A 51 -1.26 -9.12 23.37
C ARG A 51 -1.26 -9.10 23.37
N GLY A 52 -0.04 -9.63 23.29
CA GLY A 52 1.13 -8.85 22.85
C GLY A 52 0.98 -8.40 21.41
N LEU A 53 0.56 -9.33 20.57
CA LEU A 53 0.37 -9.03 19.12
C LEU A 53 -0.59 -7.83 18.99
N HIS A 54 -1.70 -7.83 19.73
CA HIS A 54 -2.74 -6.79 19.59
C HIS A 54 -2.21 -5.44 20.11
N HIS A 55 -1.23 -5.45 21.00
CA HIS A 55 -0.58 -4.19 21.46
C HIS A 55 0.01 -3.43 20.28
N LEU A 56 0.42 -4.10 19.19
CA LEU A 56 0.99 -3.34 18.05
C LEU A 56 -0.11 -2.47 17.44
N ILE A 57 -1.32 -3.02 17.28
CA ILE A 57 -2.46 -2.23 16.74
C ILE A 57 -2.76 -1.09 17.74
N TRP A 58 -2.82 -1.38 19.04
CA TRP A 58 -3.22 -0.32 20.00
C TRP A 58 -2.23 0.85 19.90
N GLU A 59 -0.93 0.59 19.77
CA GLU A 59 0.07 1.67 19.75
C GLU A 59 -0.19 2.54 18.51
N VAL A 60 -0.33 1.93 17.33
CA VAL A 60 -0.46 2.74 16.08
C VAL A 60 -1.80 3.51 16.13
N VAL A 61 -2.86 2.83 16.54
CA VAL A 61 -4.20 3.48 16.60
C VAL A 61 -4.16 4.59 17.66
N ASP A 62 -3.56 4.32 18.82
CA ASP A 62 -3.46 5.35 19.91
C ASP A 62 -2.82 6.61 19.33
N ASN A 63 -1.77 6.49 18.52
CA ASN A 63 -1.05 7.66 17.95
C ASN A 63 -2.01 8.44 17.05
N ALA A 64 -2.83 7.75 16.28
CA ALA A 64 -3.80 8.40 15.37
C ALA A 64 -4.93 9.05 16.16
N VAL A 65 -5.45 8.35 17.15
CA VAL A 65 -6.61 8.86 17.94
C VAL A 65 -6.14 10.09 18.73
N ASP A 66 -4.94 10.06 19.30
CA ASP A 66 -4.37 11.21 20.06
C ASP A 66 -4.29 12.44 19.14
N GLU A 67 -3.90 12.24 17.88
CA GLU A 67 -3.79 13.35 16.91
C GLU A 67 -5.18 13.95 16.69
N ALA A 68 -6.19 13.11 16.55
CA ALA A 68 -7.58 13.51 16.33
C ALA A 68 -8.07 14.34 17.52
N MET A 69 -7.81 13.86 18.71
CA MET A 69 -8.52 14.43 19.86
C MET A 69 -7.68 15.58 20.42
N ALA A 70 -6.44 15.78 19.94
CA ALA A 70 -5.66 17.02 20.14
C ALA A 70 -6.23 18.11 19.24
N GLY A 71 -7.21 17.75 18.40
CA GLY A 71 -8.01 18.69 17.60
C GLY A 71 -7.52 18.80 16.16
N PHE A 72 -6.72 17.84 15.66
CA PHE A 72 -6.09 17.93 14.32
C PHE A 72 -6.66 16.94 13.30
N ALA A 73 -7.43 15.93 13.70
CA ALA A 73 -7.93 14.85 12.81
C ALA A 73 -9.41 14.58 13.14
N THR A 74 -10.14 14.02 12.16
CA THR A 74 -11.59 13.73 12.28
C THR A 74 -11.88 12.24 12.17
N ARG A 75 -10.95 11.46 11.62
CA ARG A 75 -11.24 10.08 11.23
C ARG A 75 -9.98 9.23 11.32
N VAL A 76 -10.14 8.00 11.79
CA VAL A 76 -9.08 6.97 11.80
C VAL A 76 -9.66 5.75 11.09
N ASP A 77 -8.93 5.24 10.11
CA ASP A 77 -9.34 4.05 9.35
C ASP A 77 -8.32 2.95 9.64
N VAL A 78 -8.81 1.78 10.04
CA VAL A 78 -7.96 0.61 10.37
C VAL A 78 -8.35 -0.52 9.42
N LYS A 79 -7.35 -1.06 8.74
CA LYS A 79 -7.59 -2.15 7.78
C LYS A 79 -6.66 -3.31 8.11
N ILE A 80 -7.23 -4.48 8.33
CA ILE A 80 -6.46 -5.74 8.50
C ILE A 80 -6.38 -6.35 7.09
N HIS A 81 -5.18 -6.38 6.54
CA HIS A 81 -4.95 -6.87 5.14
C HIS A 81 -4.89 -8.40 5.10
N ALA A 82 -5.18 -9.01 3.95
CA ALA A 82 -5.13 -10.47 3.80
C ALA A 82 -3.72 -11.02 4.04
N ASP A 83 -2.67 -10.21 3.84
CA ASP A 83 -1.27 -10.64 4.08
C ASP A 83 -0.90 -10.56 5.57
N GLY A 84 -1.83 -10.23 6.46
CA GLY A 84 -1.57 -10.19 7.90
C GLY A 84 -1.04 -8.83 8.36
N SER A 85 -0.80 -7.91 7.43
CA SER A 85 -0.37 -6.54 7.79
C SER A 85 -1.60 -5.74 8.26
N VAL A 86 -1.33 -4.69 9.02
CA VAL A 86 -2.39 -3.78 9.52
C VAL A 86 -2.05 -2.37 9.06
N GLU A 87 -3.05 -1.67 8.52
CA GLU A 87 -2.90 -0.31 8.00
C GLU A 87 -3.76 0.61 8.86
N VAL A 88 -3.17 1.70 9.34
CA VAL A 88 -3.90 2.71 10.13
C VAL A 88 -3.70 4.07 9.48
N ARG A 89 -4.80 4.69 9.06
CA ARG A 89 -4.76 5.99 8.34
C ARG A 89 -5.54 7.05 9.14
N ASP A 90 -5.00 8.26 9.22
CA ASP A 90 -5.68 9.39 9.87
C ASP A 90 -5.55 10.60 8.96
N ASP A 91 -6.40 11.59 9.18
CA ASP A 91 -6.35 12.89 8.49
C ASP A 91 -5.83 13.96 9.45
N GLY A 92 -4.84 13.59 10.29
CA GLY A 92 -4.12 14.53 11.17
C GLY A 92 -3.08 15.37 10.46
N ARG A 93 -2.13 15.93 11.21
CA ARG A 93 -1.12 16.88 10.68
C ARG A 93 -0.09 16.16 9.80
N GLY A 94 0.03 14.83 9.91
CA GLY A 94 1.11 14.09 9.24
C GLY A 94 2.37 14.07 10.10
N ILE A 95 3.03 12.94 10.15
CA ILE A 95 4.35 12.86 10.86
C ILE A 95 5.28 13.85 10.18
N PRO A 96 5.95 14.75 10.93
CA PRO A 96 6.90 15.65 10.31
C PRO A 96 7.97 14.90 9.51
N VAL A 97 8.29 15.45 8.33
CA VAL A 97 9.22 14.80 7.37
C VAL A 97 10.46 15.67 7.14
N GLU A 98 10.52 16.87 7.69
CA GLU A 98 11.67 17.78 7.40
C GLU A 98 12.94 17.19 8.01
N MET A 99 14.10 17.59 7.47
CA MET A 99 15.42 17.12 7.94
C MET A 99 15.58 17.52 9.42
N HIS A 100 15.92 16.56 10.29
CA HIS A 100 16.07 16.72 11.76
C HIS A 100 17.51 17.14 12.05
N ALA A 101 17.79 17.73 13.22
CA ALA A 101 19.14 18.19 13.64
C ALA A 101 20.17 17.05 13.54
N THR A 102 19.74 15.80 13.70
CA THR A 102 20.62 14.60 13.69
C THR A 102 21.00 14.16 12.27
N GLY A 103 20.47 14.80 11.22
CA GLY A 103 20.86 14.50 9.83
C GLY A 103 20.03 13.40 9.19
N MET A 104 18.91 12.99 9.81
CA MET A 104 17.89 12.13 9.16
C MET A 104 16.55 12.85 9.21
N PRO A 105 15.60 12.52 8.32
CA PRO A 105 14.26 13.11 8.41
C PRO A 105 13.60 12.84 9.77
N THR A 106 12.79 13.78 10.23
CA THR A 106 12.08 13.66 11.55
C THR A 106 11.30 12.36 11.60
N ILE A 107 10.62 11.98 10.50
CA ILE A 107 9.84 10.72 10.44
C ILE A 107 10.75 9.53 10.81
N ASP A 108 12.01 9.52 10.39
CA ASP A 108 12.92 8.39 10.67
C ASP A 108 13.30 8.40 12.16
N VAL A 109 13.44 9.58 12.77
CA VAL A 109 13.67 9.72 14.23
C VAL A 109 12.47 9.09 14.96
N VAL A 110 11.28 9.47 14.55
CA VAL A 110 10.01 8.95 15.14
C VAL A 110 10.00 7.42 15.05
N MET A 111 10.25 6.87 13.85
N MET A 111 10.26 6.87 13.85
CA MET A 111 10.04 5.42 13.60
CA MET A 111 10.06 5.42 13.60
C MET A 111 11.18 4.59 14.20
C MET A 111 11.18 4.58 14.21
N THR A 112 12.28 5.21 14.66
CA THR A 112 13.42 4.47 15.23
C THR A 112 13.57 4.78 16.73
N GLN A 113 12.85 5.76 17.29
CA GLN A 113 13.11 6.21 18.68
C GLN A 113 11.88 6.40 19.57
N VAL A 134 10.67 6.69 19.06
CA VAL A 134 9.56 6.94 20.00
C VAL A 134 8.64 5.72 20.11
N GLY A 135 7.43 5.88 20.65
CA GLY A 135 6.51 4.78 20.95
C GLY A 135 6.36 3.82 19.78
N VAL A 136 6.11 4.37 18.61
CA VAL A 136 5.76 3.54 17.41
C VAL A 136 7.02 2.79 16.97
N SER A 137 8.20 3.21 17.41
CA SER A 137 9.45 2.49 17.04
C SER A 137 9.41 1.08 17.64
N VAL A 138 8.63 0.87 18.72
CA VAL A 138 8.43 -0.51 19.25
C VAL A 138 7.73 -1.34 18.15
N VAL A 139 6.77 -0.76 17.45
CA VAL A 139 6.04 -1.48 16.36
C VAL A 139 7.02 -1.80 15.24
N ASN A 140 7.85 -0.83 14.90
CA ASN A 140 8.88 -0.98 13.86
C ASN A 140 9.83 -2.10 14.29
N ALA A 141 10.30 -2.09 15.53
CA ALA A 141 11.26 -3.11 16.00
C ALA A 141 10.66 -4.52 15.95
N LEU A 142 9.35 -4.67 16.15
CA LEU A 142 8.73 -6.01 16.28
C LEU A 142 8.03 -6.36 14.97
N SER A 143 8.33 -5.61 13.90
CA SER A 143 7.76 -5.81 12.54
C SER A 143 8.90 -6.16 11.57
N THR A 144 8.64 -7.06 10.64
CA THR A 144 9.61 -7.35 9.55
C THR A 144 9.67 -6.17 8.58
N ARG A 145 8.57 -5.44 8.50
CA ARG A 145 8.46 -4.28 7.59
C ARG A 145 7.45 -3.29 8.13
N LEU A 146 7.71 -2.02 7.90
CA LEU A 146 6.73 -0.95 8.16
C LEU A 146 6.82 0.04 7.02
N GLU A 147 5.68 0.46 6.53
CA GLU A 147 5.57 1.48 5.49
C GLU A 147 4.81 2.67 6.05
N ALA A 148 5.29 3.87 5.74
CA ALA A 148 4.61 5.11 6.10
C ALA A 148 4.37 5.89 4.81
N THR A 149 3.14 6.35 4.65
CA THR A 149 2.77 7.33 3.61
C THR A 149 2.18 8.53 4.33
N VAL A 150 2.85 9.68 4.22
CA VAL A 150 2.48 10.91 4.91
C VAL A 150 2.11 12.00 3.91
N LEU A 151 0.98 12.64 4.17
CA LEU A 151 0.57 13.85 3.46
C LEU A 151 0.99 15.02 4.35
N ARG A 152 1.95 15.84 3.92
CA ARG A 152 2.42 16.95 4.80
C ARG A 152 3.30 17.92 4.01
N ASP A 153 3.28 19.18 4.39
CA ASP A 153 4.23 20.20 3.88
C ASP A 153 4.02 20.37 2.37
N GLY A 154 2.88 19.95 1.82
CA GLY A 154 2.53 20.21 0.42
C GLY A 154 2.68 19.00 -0.48
N TYR A 155 3.01 17.84 0.07
CA TYR A 155 3.35 16.63 -0.76
C TYR A 155 2.87 15.37 -0.06
N GLU A 156 2.74 14.31 -0.86
CA GLU A 156 2.67 12.93 -0.40
C GLU A 156 4.12 12.41 -0.34
N TRP A 157 4.45 11.73 0.77
CA TRP A 157 5.81 11.22 1.06
C TRP A 157 5.69 9.74 1.30
N PHE A 158 6.70 8.99 0.86
CA PHE A 158 6.74 7.52 1.01
C PHE A 158 8.00 7.14 1.74
N GLN A 159 7.86 6.29 2.74
CA GLN A 159 9.04 5.71 3.43
C GLN A 159 8.73 4.26 3.77
N TYR A 160 9.76 3.46 3.84
CA TYR A 160 9.64 2.07 4.29
C TYR A 160 10.80 1.82 5.24
N TYR A 161 10.60 0.77 6.00
CA TYR A 161 11.56 0.25 7.00
C TYR A 161 11.62 -1.25 6.80
N ASP A 162 12.82 -1.78 6.59
CA ASP A 162 13.07 -3.24 6.48
C ASP A 162 13.77 -3.66 7.75
N ARG A 163 13.07 -4.39 8.61
CA ARG A 163 13.53 -4.70 9.98
C ARG A 163 14.05 -3.40 10.63
N SER A 164 13.23 -2.36 10.58
CA SER A 164 13.44 -1.03 11.23
C SER A 164 14.52 -0.22 10.53
N VAL A 165 15.18 -0.74 9.50
CA VAL A 165 16.21 0.03 8.75
C VAL A 165 15.49 0.88 7.72
N PRO A 166 15.57 2.23 7.83
CA PRO A 166 14.89 3.12 6.91
C PRO A 166 15.43 2.98 5.47
N GLY A 167 14.53 2.98 4.49
CA GLY A 167 14.80 3.34 3.10
C GLY A 167 15.13 4.82 2.96
N LYS A 168 15.15 5.32 1.73
CA LYS A 168 15.31 6.78 1.46
C LYS A 168 13.91 7.39 1.33
N LEU A 169 13.60 8.37 2.17
CA LEU A 169 12.32 9.11 2.15
C LEU A 169 12.13 9.67 0.74
N LYS A 170 10.98 9.41 0.12
N LYS A 170 10.97 9.42 0.13
CA LYS A 170 10.69 9.83 -1.27
CA LYS A 170 10.69 9.84 -1.27
C LYS A 170 9.58 10.88 -1.28
C LYS A 170 9.58 10.88 -1.28
N GLN A 171 9.81 12.01 -1.94
CA GLN A 171 8.82 13.08 -2.15
C GLN A 171 8.00 12.72 -3.39
N GLY A 172 6.70 12.61 -3.19
CA GLY A 172 5.72 12.37 -4.25
C GLY A 172 5.03 13.63 -4.71
N GLY A 173 3.78 13.49 -5.13
CA GLY A 173 3.02 14.58 -5.77
C GLY A 173 2.55 15.63 -4.80
N GLU A 174 2.10 16.74 -5.35
CA GLU A 174 1.64 17.92 -4.58
C GLU A 174 0.23 17.67 -4.05
N THR A 175 -0.02 18.12 -2.84
CA THR A 175 -1.36 18.10 -2.22
C THR A 175 -1.36 19.04 -1.02
N LYS A 176 -2.49 19.70 -0.77
CA LYS A 176 -2.71 20.48 0.47
C LYS A 176 -3.03 19.54 1.61
N GLU A 177 -3.44 18.30 1.32
CA GLU A 177 -4.02 17.41 2.36
C GLU A 177 -2.94 16.98 3.36
N THR A 178 -3.39 16.65 4.59
CA THR A 178 -2.47 16.21 5.66
C THR A 178 -3.00 14.93 6.29
N GLY A 179 -2.07 14.07 6.68
CA GLY A 179 -2.38 12.87 7.43
C GLY A 179 -1.29 11.82 7.32
N THR A 180 -1.48 10.74 8.06
CA THR A 180 -0.50 9.66 8.22
C THR A 180 -1.17 8.33 7.92
N THR A 181 -0.50 7.51 7.12
CA THR A 181 -0.83 6.08 6.96
C THR A 181 0.39 5.26 7.35
N ILE A 182 0.20 4.31 8.26
CA ILE A 182 1.23 3.33 8.69
C ILE A 182 0.69 1.93 8.41
N ARG A 183 1.49 1.11 7.74
CA ARG A 183 1.19 -0.30 7.50
C ARG A 183 2.36 -1.11 8.01
N PHE A 184 2.09 -2.12 8.84
CA PHE A 184 3.15 -2.90 9.50
C PHE A 184 2.82 -4.38 9.42
N TRP A 185 3.89 -5.16 9.32
CA TRP A 185 3.87 -6.65 9.25
C TRP A 185 4.54 -7.20 10.51
N ALA A 186 3.75 -7.64 11.49
CA ALA A 186 4.26 -8.24 12.75
C ALA A 186 5.24 -9.38 12.42
N ASP A 187 6.34 -9.43 13.14
CA ASP A 187 7.40 -10.45 12.94
C ASP A 187 6.96 -11.78 13.55
N PRO A 188 6.76 -12.86 12.74
CA PRO A 188 6.40 -14.15 13.29
C PRO A 188 7.50 -14.84 14.11
N GLU A 189 8.73 -14.35 14.02
CA GLU A 189 9.86 -14.86 14.85
C GLU A 189 9.73 -14.32 16.27
N ILE A 190 9.08 -13.16 16.44
CA ILE A 190 8.79 -12.55 17.77
C ILE A 190 7.50 -13.16 18.34
N PHE A 191 6.40 -13.16 17.61
CA PHE A 191 5.05 -13.48 18.15
C PHE A 191 4.69 -14.95 17.94
N GLU A 192 4.09 -15.55 18.98
CA GLU A 192 3.59 -16.95 18.96
C GLU A 192 2.49 -17.08 17.92
N THR A 193 1.71 -16.03 17.72
CA THR A 193 0.65 -15.96 16.68
C THR A 193 0.70 -14.57 16.04
N THR A 194 0.41 -14.50 14.75
CA THR A 194 0.29 -13.20 14.03
C THR A 194 -1.16 -13.05 13.53
N ASP A 195 -2.08 -13.87 14.03
CA ASP A 195 -3.50 -13.90 13.59
C ASP A 195 -4.29 -12.93 14.48
N TYR A 196 -4.55 -11.73 13.99
CA TYR A 196 -5.39 -10.74 14.71
C TYR A 196 -6.83 -11.24 14.79
N ASN A 197 -7.51 -10.84 15.87
CA ASN A 197 -8.90 -11.26 16.13
C ASN A 197 -9.81 -10.07 15.84
N PHE A 198 -10.66 -10.18 14.83
CA PHE A 198 -11.54 -9.06 14.42
C PHE A 198 -12.35 -8.56 15.63
N GLU A 199 -12.93 -9.47 16.39
CA GLU A 199 -13.86 -9.07 17.49
C GLU A 199 -13.06 -8.29 18.55
N THR A 200 -11.84 -8.72 18.85
CA THR A 200 -10.99 -8.03 19.85
C THR A 200 -10.70 -6.60 19.37
N VAL A 201 -10.32 -6.46 18.10
CA VAL A 201 -10.02 -5.13 17.54
C VAL A 201 -11.31 -4.29 17.55
N ALA A 202 -12.43 -4.83 17.08
CA ALA A 202 -13.69 -4.09 16.97
C ALA A 202 -14.11 -3.53 18.36
N ARG A 203 -14.06 -4.37 19.39
N ARG A 203 -14.06 -4.37 19.39
CA ARG A 203 -14.52 -3.98 20.74
CA ARG A 203 -14.52 -3.98 20.74
C ARG A 203 -13.64 -2.87 21.29
C ARG A 203 -13.64 -2.87 21.30
N ARG A 204 -12.34 -2.94 21.04
N ARG A 204 -12.34 -2.94 21.04
CA ARG A 204 -11.41 -1.89 21.50
CA ARG A 204 -11.41 -1.88 21.51
C ARG A 204 -11.64 -0.61 20.70
C ARG A 204 -11.64 -0.61 20.70
N LEU A 205 -11.77 -0.69 19.38
CA LEU A 205 -12.01 0.53 18.58
C LEU A 205 -13.36 1.16 18.95
N GLN A 206 -14.38 0.36 19.24
CA GLN A 206 -15.71 0.87 19.65
C GLN A 206 -15.52 1.67 20.95
N GLU A 207 -14.74 1.13 21.88
CA GLU A 207 -14.47 1.81 23.17
C GLU A 207 -13.75 3.14 22.89
N MET A 208 -12.73 3.11 22.03
CA MET A 208 -11.96 4.32 21.68
C MET A 208 -12.90 5.37 21.10
N ALA A 209 -13.81 5.00 20.20
CA ALA A 209 -14.75 5.97 19.58
C ALA A 209 -15.68 6.54 20.66
N PHE A 210 -16.17 5.69 21.54
CA PHE A 210 -17.08 6.11 22.64
C PHE A 210 -16.39 7.13 23.57
N LEU A 211 -15.11 6.93 23.83
CA LEU A 211 -14.33 7.75 24.80
C LEU A 211 -13.91 9.05 24.15
N ASN A 212 -13.97 9.14 22.82
CA ASN A 212 -13.49 10.26 21.98
C ASN A 212 -14.65 10.71 21.09
N LYS A 213 -15.71 11.22 21.71
CA LYS A 213 -16.96 11.56 20.99
C LYS A 213 -16.61 12.50 19.83
N GLY A 214 -17.24 12.24 18.69
CA GLY A 214 -17.13 13.04 17.47
C GLY A 214 -16.16 12.40 16.50
N LEU A 215 -15.28 11.52 16.98
CA LEU A 215 -14.29 10.83 16.13
C LEU A 215 -14.98 9.72 15.36
N THR A 216 -14.66 9.57 14.07
CA THR A 216 -15.09 8.37 13.32
C THR A 216 -13.94 7.38 13.28
N ILE A 217 -14.20 6.13 13.64
CA ILE A 217 -13.21 5.05 13.50
C ILE A 217 -13.86 3.97 12.64
N GLU A 218 -13.19 3.64 11.54
CA GLU A 218 -13.70 2.60 10.60
C GLU A 218 -12.72 1.44 10.64
N LEU A 219 -13.25 0.23 10.65
CA LEU A 219 -12.47 -1.02 10.73
C LEU A 219 -12.94 -1.91 9.58
N THR A 220 -12.00 -2.33 8.73
CA THR A 220 -12.26 -3.35 7.70
C THR A 220 -11.25 -4.47 7.83
N ASP A 221 -11.70 -5.67 7.54
CA ASP A 221 -10.87 -6.90 7.61
C ASP A 221 -10.95 -7.53 6.22
N GLU A 222 -9.88 -7.43 5.44
CA GLU A 222 -9.86 -7.97 4.05
C GLU A 222 -9.71 -9.49 4.10
N ARG A 223 -9.41 -10.10 5.25
CA ARG A 223 -9.34 -11.59 5.34
C ARG A 223 -10.72 -12.20 5.07
N ASP A 224 -11.79 -11.60 5.60
CA ASP A 224 -13.14 -12.23 5.56
C ASP A 224 -14.24 -11.21 5.30
N GLY A 225 -13.89 -9.94 5.04
CA GLY A 225 -14.86 -8.92 4.67
C GLY A 225 -15.62 -8.31 5.85
N LYS A 226 -15.24 -8.60 7.09
CA LYS A 226 -15.93 -8.00 8.25
C LYS A 226 -15.63 -6.49 8.27
N HIS A 227 -16.51 -5.73 8.91
CA HIS A 227 -16.37 -4.25 8.96
C HIS A 227 -17.21 -3.71 10.12
N ARG A 228 -16.78 -2.59 10.65
CA ARG A 228 -17.61 -1.79 11.57
C ARG A 228 -17.28 -0.31 11.29
N VAL A 229 -18.21 0.57 11.59
CA VAL A 229 -17.93 2.04 11.64
C VAL A 229 -18.46 2.52 12.99
N PHE A 230 -17.62 3.22 13.74
CA PHE A 230 -18.00 3.80 15.03
C PHE A 230 -17.94 5.31 14.94
N HIS A 231 -19.03 5.95 15.31
CA HIS A 231 -19.08 7.42 15.44
C HIS A 231 -20.14 7.79 16.46
N TYR A 232 -19.70 8.27 17.61
CA TYR A 232 -20.60 8.75 18.68
C TYR A 232 -20.71 10.25 18.51
N PRO A 233 -21.93 10.82 18.33
CA PRO A 233 -22.04 12.26 18.16
C PRO A 233 -21.47 13.05 19.35
N GLY A 234 -20.74 14.11 19.05
CA GLY A 234 -20.17 15.01 20.07
C GLY A 234 -19.38 16.15 19.44
N THR B 29 20.20 2.23 -22.14
CA THR B 29 19.34 1.69 -23.24
C THR B 29 17.95 1.35 -22.70
N ILE B 30 17.87 0.65 -21.56
CA ILE B 30 16.56 0.40 -20.89
C ILE B 30 15.97 1.78 -20.51
N LEU B 31 16.77 2.66 -19.92
CA LEU B 31 16.35 4.04 -19.57
C LEU B 31 15.92 4.80 -20.82
N GLU B 32 16.67 4.70 -21.93
CA GLU B 32 16.34 5.39 -23.21
C GLU B 32 14.96 4.93 -23.68
N GLY B 33 14.65 3.63 -23.54
CA GLY B 33 13.36 3.05 -23.97
C GLY B 33 12.21 3.68 -23.20
N LEU B 34 12.37 3.80 -21.89
CA LEU B 34 11.31 4.38 -21.04
C LEU B 34 11.20 5.88 -21.31
N GLU B 35 12.32 6.56 -21.57
CA GLU B 35 12.33 8.02 -21.85
C GLU B 35 11.63 8.27 -23.20
N ALA B 36 11.77 7.33 -24.15
CA ALA B 36 11.12 7.45 -25.47
C ALA B 36 9.60 7.47 -25.25
N VAL B 37 9.11 6.69 -24.30
CA VAL B 37 7.66 6.65 -23.96
C VAL B 37 7.22 8.02 -23.44
N ARG B 38 7.99 8.62 -22.54
N ARG B 38 8.00 8.63 -22.56
CA ARG B 38 7.65 9.94 -21.95
CA ARG B 38 7.67 9.95 -21.95
C ARG B 38 7.71 11.02 -23.04
C ARG B 38 7.74 11.04 -23.03
N LYS B 39 8.63 10.90 -24.01
CA LYS B 39 8.81 11.92 -25.08
C LYS B 39 7.59 11.89 -26.02
N ARG B 40 7.07 10.70 -26.36
CA ARG B 40 5.98 10.55 -27.37
C ARG B 40 4.98 9.52 -26.88
N PRO B 41 4.19 9.86 -25.83
CA PRO B 41 3.29 8.89 -25.23
C PRO B 41 2.20 8.43 -26.19
N GLY B 42 1.81 9.27 -27.16
CA GLY B 42 0.76 8.92 -28.13
C GLY B 42 1.13 7.69 -28.95
N MET B 43 2.43 7.43 -29.13
N MET B 43 2.41 7.40 -29.10
CA MET B 43 2.93 6.22 -29.85
CA MET B 43 2.85 6.21 -29.89
C MET B 43 2.58 4.95 -29.08
C MET B 43 2.88 4.97 -29.01
N TYR B 44 2.36 5.08 -27.77
CA TYR B 44 2.22 3.92 -26.84
C TYR B 44 0.80 3.81 -26.29
N ILE B 45 0.12 4.91 -26.00
CA ILE B 45 -1.24 4.89 -25.39
C ILE B 45 -2.22 5.72 -26.20
N GLY B 46 -1.82 6.18 -27.39
CA GLY B 46 -2.73 6.75 -28.37
C GLY B 46 -2.89 8.24 -28.22
N SER B 47 -2.81 8.77 -26.98
CA SER B 47 -3.10 10.20 -26.71
C SER B 47 -2.84 10.49 -25.23
N THR B 48 -2.84 11.77 -24.86
CA THR B 48 -2.47 12.18 -23.49
C THR B 48 -3.61 12.93 -22.80
N GLY B 49 -4.83 12.84 -23.33
CA GLY B 49 -6.02 13.31 -22.62
C GLY B 49 -6.64 12.23 -21.75
N GLU B 50 -7.92 12.37 -21.47
CA GLU B 50 -8.64 11.47 -20.52
C GLU B 50 -8.58 10.04 -21.05
N ARG B 51 -8.74 9.85 -22.37
N ARG B 51 -8.70 9.86 -22.36
CA ARG B 51 -8.71 8.47 -22.94
CA ARG B 51 -8.69 8.49 -22.93
C ARG B 51 -7.32 7.88 -22.73
C ARG B 51 -7.31 7.88 -22.69
N GLY B 52 -6.25 8.66 -22.90
CA GLY B 52 -4.89 8.19 -22.65
C GLY B 52 -4.68 7.85 -21.18
N LEU B 53 -5.16 8.71 -20.30
CA LEU B 53 -5.04 8.45 -18.83
C LEU B 53 -5.66 7.08 -18.54
N HIS B 54 -6.86 6.84 -19.04
CA HIS B 54 -7.61 5.60 -18.71
C HIS B 54 -6.88 4.37 -19.29
N HIS B 55 -6.08 4.53 -20.35
CA HIS B 55 -5.25 3.42 -20.88
C HIS B 55 -4.32 2.85 -19.82
N LEU B 56 -3.87 3.63 -18.84
CA LEU B 56 -3.01 3.06 -17.80
C LEU B 56 -3.78 1.99 -17.04
N ILE B 57 -5.02 2.28 -16.66
CA ILE B 57 -5.89 1.26 -16.03
C ILE B 57 -6.09 0.06 -16.97
N TRP B 58 -6.41 0.31 -18.24
CA TRP B 58 -6.72 -0.82 -19.15
C TRP B 58 -5.52 -1.76 -19.22
N GLU B 59 -4.31 -1.21 -19.30
CA GLU B 59 -3.10 -2.06 -19.43
C GLU B 59 -2.97 -2.95 -18.18
N VAL B 60 -3.02 -2.35 -16.98
CA VAL B 60 -2.78 -3.13 -15.75
C VAL B 60 -3.91 -4.17 -15.57
N VAL B 61 -5.15 -3.76 -15.78
CA VAL B 61 -6.31 -4.66 -15.65
C VAL B 61 -6.21 -5.77 -16.71
N ASP B 62 -5.87 -5.44 -17.96
CA ASP B 62 -5.74 -6.47 -19.03
C ASP B 62 -4.72 -7.52 -18.55
N ASN B 63 -3.60 -7.11 -17.91
CA ASN B 63 -2.58 -8.08 -17.46
C ASN B 63 -3.16 -9.03 -16.41
N ALA B 64 -3.99 -8.50 -15.52
CA ALA B 64 -4.66 -9.29 -14.45
C ALA B 64 -5.69 -10.21 -15.08
N VAL B 65 -6.52 -9.70 -15.98
CA VAL B 65 -7.59 -10.50 -16.62
C VAL B 65 -6.97 -11.63 -17.43
N ASP B 66 -5.84 -11.41 -18.10
N ASP B 66 -5.79 -11.43 -18.02
CA ASP B 66 -5.04 -12.46 -18.79
CA ASP B 66 -5.10 -12.51 -18.78
C ASP B 66 -4.79 -13.66 -17.85
C ASP B 66 -4.78 -13.69 -17.86
N GLU B 67 -4.48 -13.43 -16.58
CA GLU B 67 -4.28 -14.54 -15.60
C GLU B 67 -5.58 -15.31 -15.36
N ALA B 68 -6.72 -14.68 -15.41
CA ALA B 68 -8.05 -15.34 -15.29
C ALA B 68 -8.26 -16.19 -16.55
N MET B 69 -7.98 -15.62 -17.72
CA MET B 69 -8.18 -16.36 -18.98
C MET B 69 -7.27 -17.60 -18.97
N ALA B 70 -6.09 -17.50 -18.39
CA ALA B 70 -5.08 -18.58 -18.35
C ALA B 70 -5.51 -19.68 -17.36
N GLY B 71 -6.55 -19.42 -16.57
CA GLY B 71 -7.13 -20.38 -15.62
C GLY B 71 -6.56 -20.30 -14.20
N PHE B 72 -5.87 -19.21 -13.84
CA PHE B 72 -5.17 -19.08 -12.53
C PHE B 72 -5.91 -18.10 -11.60
N ALA B 73 -6.39 -17.00 -12.12
CA ALA B 73 -7.05 -15.95 -11.33
C ALA B 73 -8.56 -16.13 -11.34
N THR B 74 -9.20 -15.78 -10.22
CA THR B 74 -10.66 -15.86 -10.04
C THR B 74 -11.24 -14.48 -9.76
N ARG B 75 -10.41 -13.51 -9.39
CA ARG B 75 -10.90 -12.20 -8.92
C ARG B 75 -9.85 -11.14 -9.25
N VAL B 76 -10.33 -9.99 -9.69
CA VAL B 76 -9.51 -8.79 -9.90
C VAL B 76 -10.18 -7.68 -9.11
N ASP B 77 -9.41 -7.00 -8.27
CA ASP B 77 -9.91 -5.90 -7.45
C ASP B 77 -9.20 -4.63 -7.92
N VAL B 78 -9.96 -3.59 -8.23
CA VAL B 78 -9.45 -2.28 -8.69
C VAL B 78 -9.88 -1.25 -7.65
N LYS B 79 -8.95 -0.43 -7.21
CA LYS B 79 -9.26 0.71 -6.32
C LYS B 79 -8.68 1.99 -6.93
N ILE B 80 -9.50 3.01 -6.99
CA ILE B 80 -9.09 4.41 -7.27
C ILE B 80 -8.90 5.09 -5.91
N HIS B 81 -7.65 5.38 -5.59
CA HIS B 81 -7.28 5.99 -4.29
C HIS B 81 -7.50 7.51 -4.33
N ALA B 82 -7.71 8.12 -3.16
CA ALA B 82 -7.89 9.59 -3.07
C ALA B 82 -6.62 10.34 -3.52
N ASP B 83 -5.44 9.72 -3.43
CA ASP B 83 -4.17 10.36 -3.85
C ASP B 83 -3.99 10.28 -5.38
N GLY B 84 -4.96 9.79 -6.15
CA GLY B 84 -4.87 9.72 -7.62
C GLY B 84 -4.19 8.45 -8.13
N SER B 85 -3.71 7.60 -7.24
CA SER B 85 -3.13 6.31 -7.63
C SER B 85 -4.27 5.32 -7.90
N VAL B 86 -3.94 4.30 -8.68
CA VAL B 86 -4.86 3.15 -8.93
C VAL B 86 -4.16 1.88 -8.50
N GLU B 87 -4.88 0.99 -7.85
CA GLU B 87 -4.36 -0.28 -7.34
C GLU B 87 -5.16 -1.41 -8.00
N VAL B 88 -4.46 -2.36 -8.58
CA VAL B 88 -5.08 -3.54 -9.22
C VAL B 88 -4.49 -4.79 -8.59
N ARG B 89 -5.34 -5.64 -8.02
CA ARG B 89 -4.89 -6.87 -7.33
C ARG B 89 -5.57 -8.07 -7.99
N ASP B 90 -4.82 -9.13 -8.22
CA ASP B 90 -5.38 -10.40 -8.73
C ASP B 90 -4.84 -11.54 -7.86
N ASP B 91 -5.51 -12.68 -7.92
CA ASP B 91 -5.04 -13.95 -7.30
C ASP B 91 -4.55 -14.90 -8.41
N GLY B 92 -3.84 -14.39 -9.40
CA GLY B 92 -3.13 -15.25 -10.37
C GLY B 92 -1.82 -15.82 -9.84
N ARG B 93 -0.90 -16.15 -10.75
CA ARG B 93 0.35 -16.86 -10.39
C ARG B 93 1.35 -15.92 -9.73
N GLY B 94 1.19 -14.60 -9.86
CA GLY B 94 2.23 -13.67 -9.42
C GLY B 94 3.24 -13.43 -10.54
N ILE B 95 3.60 -12.18 -10.77
CA ILE B 95 4.68 -11.87 -11.74
C ILE B 95 5.95 -12.57 -11.26
N PRO B 96 6.65 -13.34 -12.11
CA PRO B 96 7.89 -13.97 -11.70
C PRO B 96 8.90 -12.97 -11.13
N VAL B 97 9.55 -13.40 -10.04
CA VAL B 97 10.48 -12.54 -9.26
C VAL B 97 11.89 -13.12 -9.28
N GLU B 98 12.11 -14.31 -9.84
CA GLU B 98 13.47 -14.90 -9.87
C GLU B 98 14.34 -14.08 -10.82
N MET B 99 15.64 -14.21 -10.64
N MET B 99 15.65 -14.14 -10.64
CA MET B 99 16.64 -13.50 -11.46
CA MET B 99 16.60 -13.31 -11.42
C MET B 99 16.47 -13.86 -12.93
C MET B 99 16.58 -13.79 -12.88
N HIS B 100 16.41 -12.85 -13.79
CA HIS B 100 16.32 -13.04 -15.27
C HIS B 100 17.73 -13.15 -15.86
N ALA B 101 17.88 -13.74 -17.05
CA ALA B 101 19.18 -13.90 -17.74
C ALA B 101 19.86 -12.54 -17.92
N THR B 102 19.09 -11.46 -18.02
CA THR B 102 19.59 -10.09 -18.27
C THR B 102 20.11 -9.42 -17.00
N GLY B 103 20.04 -10.10 -15.85
CA GLY B 103 20.76 -9.65 -14.64
C GLY B 103 19.94 -8.76 -13.72
N MET B 104 18.64 -8.72 -13.89
N MET B 104 18.62 -8.81 -13.87
CA MET B 104 17.69 -8.09 -12.92
CA MET B 104 17.62 -8.10 -13.03
C MET B 104 16.58 -9.09 -12.68
C MET B 104 16.55 -9.12 -12.70
N PRO B 105 15.82 -8.96 -11.56
CA PRO B 105 14.65 -9.80 -11.33
C PRO B 105 13.69 -9.72 -12.52
N THR B 106 12.99 -10.81 -12.82
CA THR B 106 12.07 -10.89 -13.99
C THR B 106 11.02 -9.79 -13.86
N ILE B 107 10.50 -9.55 -12.64
CA ILE B 107 9.52 -8.45 -12.44
C ILE B 107 10.10 -7.12 -12.96
N ASP B 108 11.39 -6.85 -12.76
CA ASP B 108 12.00 -5.56 -13.20
C ASP B 108 12.12 -5.56 -14.73
N VAL B 109 12.37 -6.72 -15.34
CA VAL B 109 12.38 -6.83 -16.83
C VAL B 109 10.98 -6.45 -17.32
N VAL B 110 9.96 -7.04 -16.72
CA VAL B 110 8.54 -6.78 -17.07
C VAL B 110 8.27 -5.27 -16.97
N MET B 111 8.62 -4.65 -15.85
CA MET B 111 8.21 -3.26 -15.56
C MET B 111 9.08 -2.24 -16.30
N THR B 112 10.15 -2.66 -16.96
CA THR B 112 11.03 -1.74 -17.73
C THR B 112 10.95 -2.03 -19.22
N GLN B 113 10.36 -3.15 -19.65
CA GLN B 113 10.54 -3.59 -21.08
C GLN B 113 9.24 -4.08 -21.75
N VAL B 134 8.22 -4.58 -21.04
CA VAL B 134 7.06 -5.10 -21.73
C VAL B 134 5.90 -4.09 -21.64
N GLY B 135 4.70 -4.48 -22.05
CA GLY B 135 3.54 -3.57 -22.17
C GLY B 135 3.37 -2.67 -20.94
N VAL B 136 3.40 -3.27 -19.75
CA VAL B 136 3.06 -2.54 -18.50
C VAL B 136 4.18 -1.56 -18.19
N SER B 137 5.34 -1.69 -18.83
CA SER B 137 6.46 -0.74 -18.65
C SER B 137 6.00 0.65 -19.10
N VAL B 138 5.01 0.71 -19.99
CA VAL B 138 4.48 2.02 -20.44
C VAL B 138 3.82 2.70 -19.22
N VAL B 139 3.14 1.91 -18.41
CA VAL B 139 2.48 2.45 -17.19
C VAL B 139 3.56 2.97 -16.23
N ASN B 140 4.63 2.20 -16.06
CA ASN B 140 5.78 2.61 -15.22
C ASN B 140 6.35 3.92 -15.78
N ALA B 141 6.57 3.99 -17.07
CA ALA B 141 7.21 5.18 -17.68
C ALA B 141 6.35 6.42 -17.45
N LEU B 142 5.03 6.30 -17.47
CA LEU B 142 4.13 7.48 -17.49
C LEU B 142 3.57 7.71 -16.08
N SER B 143 4.17 7.04 -15.08
CA SER B 143 3.85 7.17 -13.64
C SER B 143 5.04 7.79 -12.90
N THR B 144 4.78 8.65 -11.92
CA THR B 144 5.86 9.11 -11.01
C THR B 144 6.33 7.96 -10.12
N ARG B 145 5.45 7.02 -9.86
CA ARG B 145 5.75 5.90 -8.96
C ARG B 145 4.90 4.69 -9.36
N LEU B 146 5.49 3.51 -9.24
CA LEU B 146 4.74 2.26 -9.32
C LEU B 146 5.25 1.34 -8.21
N GLU B 147 4.32 0.70 -7.53
CA GLU B 147 4.62 -0.32 -6.51
C GLU B 147 4.04 -1.64 -6.98
N ALA B 148 4.81 -2.70 -6.80
CA ALA B 148 4.37 -4.08 -7.04
C ALA B 148 4.57 -4.90 -5.78
N THR B 149 3.54 -5.62 -5.40
CA THR B 149 3.60 -6.62 -4.32
C THR B 149 3.13 -7.93 -4.91
N VAL B 150 4.00 -8.93 -4.89
CA VAL B 150 3.76 -10.26 -5.49
C VAL B 150 3.78 -11.31 -4.39
N LEU B 151 2.80 -12.20 -4.43
CA LEU B 151 2.80 -13.46 -3.66
C LEU B 151 3.23 -14.55 -4.64
N ARG B 152 4.39 -15.17 -4.45
CA ARG B 152 4.91 -16.19 -5.39
C ARG B 152 6.08 -16.93 -4.77
N ASP B 153 6.26 -18.20 -5.13
CA ASP B 153 7.46 -19.00 -4.78
C ASP B 153 7.56 -19.11 -3.26
N GLY B 154 6.44 -18.94 -2.55
CA GLY B 154 6.35 -19.20 -1.11
C GLY B 154 6.48 -17.95 -0.24
N TYR B 155 6.51 -16.77 -0.84
CA TYR B 155 6.81 -15.50 -0.14
C TYR B 155 5.99 -14.34 -0.73
N GLU B 156 5.83 -13.31 0.09
CA GLU B 156 5.44 -11.96 -0.33
C GLU B 156 6.72 -11.20 -0.72
N TRP B 157 6.65 -10.48 -1.82
CA TRP B 157 7.79 -9.71 -2.39
C TRP B 157 7.32 -8.29 -2.61
N PHE B 158 8.20 -7.33 -2.36
CA PHE B 158 7.90 -5.89 -2.50
C PHE B 158 8.89 -5.28 -3.48
N GLN B 159 8.36 -4.53 -4.42
CA GLN B 159 9.20 -3.72 -5.32
C GLN B 159 8.55 -2.36 -5.48
N TYR B 160 9.37 -1.37 -5.69
CA TYR B 160 8.87 -0.04 -6.12
C TYR B 160 9.73 0.43 -7.26
N TYR B 161 9.16 1.40 -7.95
CA TYR B 161 9.81 2.12 -9.07
C TYR B 161 9.57 3.61 -8.81
N ASP B 162 10.65 4.37 -8.78
N ASP B 162 10.65 4.37 -8.79
CA ASP B 162 10.61 5.85 -8.66
CA ASP B 162 10.71 5.83 -8.61
C ASP B 162 10.98 6.41 -10.01
C ASP B 162 10.99 6.42 -9.99
N ARG B 163 9.99 7.02 -10.66
CA ARG B 163 10.07 7.44 -12.10
C ARG B 163 10.73 6.32 -12.91
N SER B 164 10.20 5.12 -12.77
CA SER B 164 10.55 3.91 -13.55
C SER B 164 11.84 3.28 -13.08
N VAL B 165 12.57 3.90 -12.17
CA VAL B 165 13.87 3.34 -11.69
C VAL B 165 13.55 2.35 -10.59
N PRO B 166 13.89 1.06 -10.78
CA PRO B 166 13.61 0.03 -9.77
C PRO B 166 14.37 0.31 -8.46
N GLY B 167 13.69 0.12 -7.33
CA GLY B 167 14.31 -0.13 -6.02
C GLY B 167 14.93 -1.52 -5.98
N LYS B 168 15.32 -2.00 -4.80
CA LYS B 168 15.83 -3.37 -4.63
C LYS B 168 14.64 -4.24 -4.21
N LEU B 169 14.39 -5.30 -4.98
CA LEU B 169 13.33 -6.28 -4.69
C LEU B 169 13.55 -6.81 -3.27
N LYS B 170 12.52 -6.76 -2.43
CA LYS B 170 12.63 -7.25 -1.04
C LYS B 170 11.78 -8.51 -0.84
N GLN B 171 12.37 -9.54 -0.24
CA GLN B 171 11.66 -10.76 0.17
C GLN B 171 11.03 -10.52 1.53
N GLY B 172 9.73 -10.71 1.60
CA GLY B 172 8.92 -10.62 2.84
C GLY B 172 8.63 -12.00 3.40
N GLY B 173 7.48 -12.11 4.06
CA GLY B 173 7.13 -13.30 4.83
C GLY B 173 6.68 -14.45 3.96
N GLU B 174 6.57 -15.61 4.58
CA GLU B 174 6.09 -16.85 3.96
C GLU B 174 4.58 -16.78 3.70
N THR B 175 4.18 -17.35 2.57
CA THR B 175 2.76 -17.48 2.19
C THR B 175 2.64 -18.57 1.13
N LYS B 176 1.55 -19.32 1.19
CA LYS B 176 1.13 -20.28 0.15
C LYS B 176 0.26 -19.56 -0.88
N GLU B 177 -0.13 -18.30 -0.65
CA GLU B 177 -1.02 -17.59 -1.60
C GLU B 177 -0.19 -17.12 -2.81
N THR B 178 -0.86 -16.92 -3.94
CA THR B 178 -0.21 -16.38 -5.15
C THR B 178 -1.05 -15.26 -5.72
N GLY B 179 -0.37 -14.24 -6.26
CA GLY B 179 -1.06 -13.15 -6.95
C GLY B 179 -0.19 -11.91 -7.03
N THR B 180 -0.75 -10.89 -7.67
CA THR B 180 -0.06 -9.65 -8.01
C THR B 180 -0.90 -8.46 -7.59
N THR B 181 -0.24 -7.47 -6.95
CA THR B 181 -0.83 -6.14 -6.73
C THR B 181 0.08 -5.08 -7.36
N ILE B 182 -0.49 -4.22 -8.19
CA ILE B 182 0.20 -3.08 -8.84
C ILE B 182 -0.54 -1.81 -8.44
N ARG B 183 0.19 -0.84 -7.94
CA ARG B 183 -0.34 0.50 -7.63
C ARG B 183 0.53 1.50 -8.37
N PHE B 184 -0.10 2.39 -9.09
CA PHE B 184 0.65 3.38 -9.90
C PHE B 184 0.03 4.75 -9.75
N TRP B 185 0.89 5.76 -9.84
CA TRP B 185 0.56 7.20 -9.73
C TRP B 185 0.85 7.87 -11.08
N ALA B 186 -0.19 8.07 -11.89
CA ALA B 186 -0.08 8.74 -13.21
C ALA B 186 0.67 10.07 -13.06
N ASP B 187 1.56 10.36 -14.00
CA ASP B 187 2.40 11.58 -13.95
C ASP B 187 1.58 12.77 -14.48
N PRO B 188 1.29 13.79 -13.63
CA PRO B 188 0.55 14.95 -14.10
C PRO B 188 1.30 15.84 -15.11
N GLU B 189 2.60 15.65 -15.26
N GLU B 189 2.59 15.64 -15.30
CA GLU B 189 3.40 16.35 -16.30
CA GLU B 189 3.36 16.41 -16.32
C GLU B 189 3.03 15.80 -17.68
C GLU B 189 3.19 15.75 -17.69
N ILE B 190 2.66 14.52 -17.74
CA ILE B 190 2.39 13.81 -19.01
C ILE B 190 0.93 14.06 -19.43
N PHE B 191 -0.04 13.87 -18.54
CA PHE B 191 -1.46 13.80 -18.90
C PHE B 191 -2.14 15.16 -18.73
N GLU B 192 -3.08 15.44 -19.64
CA GLU B 192 -3.91 16.65 -19.60
C GLU B 192 -4.89 16.56 -18.44
N THR B 193 -5.22 15.37 -17.97
CA THR B 193 -6.03 15.21 -16.74
C THR B 193 -5.50 14.00 -15.98
N THR B 194 -5.66 14.00 -14.67
CA THR B 194 -5.35 12.83 -13.81
C THR B 194 -6.63 12.36 -13.11
N ASP B 195 -7.79 12.84 -13.56
CA ASP B 195 -9.12 12.47 -13.00
C ASP B 195 -9.66 11.22 -13.67
N TYR B 196 -9.64 10.07 -13.00
CA TYR B 196 -10.32 8.86 -13.49
C TYR B 196 -11.82 9.01 -13.32
N ASN B 197 -12.57 8.47 -14.28
CA ASN B 197 -14.03 8.55 -14.32
C ASN B 197 -14.57 7.19 -13.90
N PHE B 198 -15.25 7.12 -12.76
CA PHE B 198 -15.71 5.84 -12.21
C PHE B 198 -16.61 5.15 -13.25
N GLU B 199 -17.52 5.88 -13.88
CA GLU B 199 -18.54 5.25 -14.77
C GLU B 199 -17.82 4.64 -15.99
N THR B 200 -16.80 5.31 -16.52
CA THR B 200 -15.99 4.79 -17.65
C THR B 200 -15.29 3.49 -17.25
N VAL B 201 -14.68 3.50 -16.08
CA VAL B 201 -13.94 2.31 -15.59
C VAL B 201 -14.97 1.20 -15.34
N ALA B 202 -16.09 1.50 -14.69
CA ALA B 202 -17.08 0.47 -14.31
C ALA B 202 -17.61 -0.21 -15.59
N ARG B 203 -17.93 0.56 -16.63
N ARG B 203 -17.85 0.58 -16.63
CA ARG B 203 -18.52 0.03 -17.88
CA ARG B 203 -18.46 0.06 -17.89
C ARG B 203 -17.49 -0.90 -18.55
C ARG B 203 -17.45 -0.94 -18.46
N ARG B 204 -16.20 -0.52 -18.54
CA ARG B 204 -15.12 -1.37 -19.10
C ARG B 204 -15.00 -2.66 -18.27
N LEU B 205 -14.95 -2.57 -16.94
CA LEU B 205 -14.76 -3.78 -16.11
C LEU B 205 -15.98 -4.70 -16.26
N GLN B 206 -17.18 -4.16 -16.36
CA GLN B 206 -18.39 -4.99 -16.53
C GLN B 206 -18.29 -5.74 -17.88
N GLU B 207 -17.81 -5.07 -18.91
CA GLU B 207 -17.66 -5.74 -20.23
C GLU B 207 -16.57 -6.82 -20.16
N MET B 208 -15.48 -6.56 -19.44
N MET B 208 -15.49 -6.59 -19.41
CA MET B 208 -14.41 -7.56 -19.25
CA MET B 208 -14.42 -7.60 -19.28
C MET B 208 -14.99 -8.79 -18.54
C MET B 208 -14.95 -8.80 -18.49
N ALA B 209 -15.83 -8.58 -17.51
CA ALA B 209 -16.45 -9.71 -16.78
C ALA B 209 -17.36 -10.50 -17.73
N PHE B 210 -18.10 -9.83 -18.59
CA PHE B 210 -19.04 -10.48 -19.52
C PHE B 210 -18.26 -11.32 -20.55
N LEU B 211 -17.09 -10.87 -20.98
CA LEU B 211 -16.25 -11.65 -21.94
C LEU B 211 -15.50 -12.80 -21.26
N ASN B 212 -15.35 -12.75 -19.94
CA ASN B 212 -14.54 -13.70 -19.14
C ASN B 212 -15.44 -14.31 -18.06
N LYS B 213 -16.39 -15.12 -18.49
CA LYS B 213 -17.41 -15.69 -17.59
C LYS B 213 -16.72 -16.37 -16.40
N GLY B 214 -17.25 -16.11 -15.21
CA GLY B 214 -16.77 -16.72 -13.95
C GLY B 214 -15.79 -15.81 -13.24
N LEU B 215 -15.19 -14.86 -13.95
CA LEU B 215 -14.29 -13.87 -13.32
C LEU B 215 -15.10 -12.85 -12.52
N THR B 216 -14.69 -12.58 -11.29
CA THR B 216 -15.29 -11.47 -10.52
C THR B 216 -14.34 -10.27 -10.61
N ILE B 217 -14.90 -9.12 -10.89
CA ILE B 217 -14.14 -7.84 -10.91
C ILE B 217 -14.85 -6.85 -9.97
N GLU B 218 -14.08 -6.35 -9.01
CA GLU B 218 -14.56 -5.40 -7.99
C GLU B 218 -13.89 -4.06 -8.25
N LEU B 219 -14.65 -2.99 -8.11
CA LEU B 219 -14.16 -1.62 -8.29
C LEU B 219 -14.60 -0.77 -7.10
N THR B 220 -13.63 -0.12 -6.47
CA THR B 220 -13.92 0.78 -5.32
C THR B 220 -13.28 2.14 -5.61
N ASP B 221 -14.04 3.21 -5.44
CA ASP B 221 -13.54 4.59 -5.56
C ASP B 221 -13.42 5.16 -4.15
N GLU B 222 -12.21 5.35 -3.64
CA GLU B 222 -11.98 5.89 -2.28
C GLU B 222 -12.27 7.39 -2.26
N ARG B 223 -12.39 8.06 -3.40
CA ARG B 223 -12.68 9.51 -3.44
C ARG B 223 -14.09 9.78 -2.90
N ASP B 224 -15.06 8.95 -3.23
CA ASP B 224 -16.48 9.21 -2.90
C ASP B 224 -17.21 7.96 -2.45
N GLY B 225 -16.52 6.84 -2.28
CA GLY B 225 -17.13 5.62 -1.75
C GLY B 225 -17.89 4.76 -2.78
N LYS B 226 -17.91 5.12 -4.05
CA LYS B 226 -18.64 4.27 -5.05
C LYS B 226 -18.03 2.87 -5.09
N HIS B 227 -18.86 1.84 -5.26
CA HIS B 227 -18.40 0.44 -5.17
C HIS B 227 -19.27 -0.41 -6.08
N ARG B 228 -18.66 -1.20 -6.93
CA ARG B 228 -19.42 -2.08 -7.84
C ARG B 228 -18.70 -3.43 -7.89
N VAL B 229 -19.46 -4.51 -8.01
CA VAL B 229 -18.90 -5.85 -8.23
C VAL B 229 -19.57 -6.40 -9.51
N PHE B 230 -18.78 -6.90 -10.44
CA PHE B 230 -19.24 -7.49 -11.71
C PHE B 230 -18.83 -8.95 -11.80
N HIS B 231 -19.77 -9.76 -12.23
CA HIS B 231 -19.56 -11.21 -12.43
C HIS B 231 -20.73 -11.77 -13.22
N TYR B 232 -20.40 -12.66 -14.14
CA TYR B 232 -21.37 -13.45 -14.92
C TYR B 232 -21.01 -14.90 -14.73
N PRO B 233 -22.01 -15.78 -14.53
CA PRO B 233 -21.74 -17.18 -14.25
C PRO B 233 -21.01 -17.87 -15.41
N GLY B 234 -20.07 -18.75 -15.06
CA GLY B 234 -19.30 -19.62 -15.97
C GLY B 234 -18.28 -20.44 -15.19
C1 NOV C . 3.60 8.24 14.75
O1 NOV C . 3.74 9.64 14.78
N1 NOV C . -0.67 9.21 13.55
C12 NOV C . 0.03 10.22 14.05
O4 NOV C . -0.08 11.38 13.73
O5 NOV C . 0.91 9.81 14.99
C27 NOV C . 3.11 10.26 15.90
C28 NOV C . 1.77 10.85 15.50
C29 NOV C . 1.12 11.57 16.66
O6 NOV C . 0.89 10.65 17.69
C30 NOV C . 2.02 12.68 17.17
O7 NOV C . 3.32 12.17 17.44
C31 NOV C . 4.02 11.34 16.45
C23 NOV C . 4.59 12.22 15.34
C26 NOV C . 5.14 10.69 17.25
O8 NOV C . 2.06 13.64 16.13
C3 NOV C . 2.58 14.90 16.31
C4 NOV C . 2.53 15.71 15.20
C2 NOV C . 1.99 15.18 13.89
C5 NOV C . 3.00 17.01 15.33
C9 NOV C . 3.49 17.51 16.54
C10 NOV C . 3.51 16.67 17.64
C11 NOV C . 3.05 15.40 17.55
O10 NOV C . 2.96 17.78 14.20
C6 NOV C . 3.40 19.08 14.19
O11 NOV C . 3.26 19.67 13.15
C7 NOV C . 3.86 19.66 15.40
C8 NOV C . 3.93 18.88 16.56
O9 NOV C . 4.41 19.38 17.70
N2 NOV C . 4.28 21.00 15.39
C13 NOV C . 5.28 21.55 14.69
O2 NOV C . 5.30 22.74 14.41
C14 NOV C . 6.42 20.64 14.39
C15 NOV C . 6.95 19.80 15.37
C16 NOV C . 8.04 18.96 15.10
C17 NOV C . 8.58 19.01 13.81
O3 NOV C . 9.64 18.21 13.52
C18 NOV C . 8.05 19.85 12.83
C19 NOV C . 6.96 20.63 13.11
C20 NOV C . 8.65 18.07 16.17
C1 EDO D . -0.90 13.08 -3.76
O1 EDO D . -2.26 13.25 -3.67
C2 EDO D . -0.37 13.87 -4.86
O2 EDO D . -1.10 13.66 -6.00
C1 EDO E . 10.78 5.41 0.07
O1 EDO E . 11.20 4.68 1.20
C2 EDO E . 9.80 4.71 -0.82
O2 EDO E . 10.38 4.30 -2.06
C1 EDO F . -18.98 4.62 30.72
O1 EDO F . -19.60 3.36 30.91
C2 EDO F . -19.97 5.72 30.73
O2 EDO F . -20.18 6.27 32.00
C1 EDO G . 1.00 21.44 5.90
O1 EDO G . 1.49 20.25 6.51
C2 EDO G . 0.01 22.21 6.72
O2 EDO G . 0.57 23.01 7.76
C1 EDO H . -19.65 15.10 14.48
O1 EDO H . -18.33 14.76 14.19
C2 EDO H . -20.04 14.63 15.83
O2 EDO H . -21.35 14.98 16.22
C ACT I . -5.06 18.79 -3.37
O ACT I . -5.08 17.62 -2.88
OXT ACT I . -4.51 19.77 -2.85
CH3 ACT I . -5.73 19.00 -4.71
C ACT J . -0.43 -13.57 25.27
O ACT J . -1.63 -13.80 24.90
OXT ACT J . 0.26 -12.55 24.87
CH3 ACT J . 0.24 -14.58 26.23
NA NA K . -5.10 16.63 8.17
NA NA L . 4.39 0.29 -0.33
C1 NOV M . 2.51 -7.68 -15.58
O1 NOV M . 2.85 -9.04 -15.62
N1 NOV M . -1.14 -9.36 -13.21
C12 NOV M . -0.36 -10.28 -13.82
O4 NOV M . -0.18 -11.43 -13.45
O5 NOV M . 0.18 -9.75 -14.99
C27 NOV M . 2.06 -9.84 -16.49
C28 NOV M . 1.09 -10.65 -15.67
C29 NOV M . 0.27 -11.56 -16.56
O6 NOV M . -0.53 -10.81 -17.48
C30 NOV M . 1.20 -12.48 -17.33
O7 NOV M . 2.21 -11.76 -18.01
C31 NOV M . 2.98 -10.77 -17.28
C23 NOV M . 4.02 -11.47 -16.39
C26 NOV M . 3.69 -9.99 -18.36
O8 NOV M . 1.74 -13.32 -16.35
C3 NOV M . 2.38 -14.49 -16.70
C4 NOV M . 2.71 -15.28 -15.62
C2 NOV M . 2.42 -14.82 -14.23
C5 NOV M . 3.37 -16.48 -15.86
C9 NOV M . 3.65 -16.92 -17.15
C10 NOV M . 3.25 -16.11 -18.22
C11 NOV M . 2.65 -14.92 -18.01
O10 NOV M . 3.74 -17.22 -14.76
C6 NOV M . 4.41 -18.38 -14.86
O11 NOV M . 4.68 -18.95 -13.84
C7 NOV M . 4.71 -18.86 -16.14
C8 NOV M . 4.35 -18.15 -17.26
O9 NOV M . 4.67 -18.63 -18.48
N2 NOV M . 5.41 -20.05 -16.28
C13 NOV M . 6.65 -20.31 -15.82
O2 NOV M . 7.01 -21.46 -15.63
C14 NOV M . 7.62 -19.18 -15.64
C15 NOV M . 7.72 -18.26 -16.68
C16 NOV M . 8.61 -17.20 -16.64
C17 NOV M . 9.45 -17.09 -15.54
O3 NOV M . 10.35 -16.06 -15.49
C18 NOV M . 9.38 -18.00 -14.48
C19 NOV M . 8.48 -19.05 -14.54
C20 NOV M . 8.71 -16.27 -17.84
C21 NOV M . 8.54 -14.80 -17.58
C22 NOV M . 7.42 -14.10 -17.60
C24 NOV M . 6.08 -14.70 -17.86
C25 NOV M . 7.38 -12.63 -17.33
C1 EDO N . 2.33 -12.83 3.61
O1 EDO N . 1.29 -13.56 4.17
C2 EDO N . 3.35 -12.41 4.57
O2 EDO N . 3.79 -13.46 5.43
C1 EDO O . -22.89 -8.06 -13.77
O1 EDO O . -22.36 -8.23 -12.49
C2 EDO O . -24.24 -8.66 -13.89
O2 EDO O . -24.22 -10.11 -13.66
C1 EDO P . 0.97 0.02 -24.07
O1 EDO P . 1.79 -0.90 -23.38
C2 EDO P . -0.27 0.34 -23.32
O2 EDO P . -1.40 0.55 -24.17
C1 EDO Q . -8.26 -9.87 -5.89
O1 EDO Q . -8.84 -9.29 -4.69
C2 EDO Q . -7.89 -11.28 -5.76
O2 EDO Q . -7.15 -11.54 -4.57
C1 EDO R . -8.03 16.39 -21.33
O1 EDO R . -7.81 16.85 -22.67
C2 EDO R . -9.25 15.62 -21.26
O2 EDO R . -9.32 14.70 -22.34
C ACT S . -7.86 11.69 -25.10
O ACT S . -6.77 11.17 -24.72
OXT ACT S . -8.91 11.78 -24.39
CH3 ACT S . -7.94 12.23 -26.56
NA NA T . -3.08 -17.38 -7.22
NA NA U . -0.86 -5.01 -22.97
NA NA V . -1.05 0.49 -26.38
#